data_9I1X
#
_entry.id   9I1X
#
_cell.length_a   61.960
_cell.length_b   95.010
_cell.length_c   110.180
_cell.angle_alpha   90.00
_cell.angle_beta   90.00
_cell.angle_gamma   90.00
#
_symmetry.space_group_name_H-M   'P 21 21 21'
#
loop_
_entity.id
_entity.type
_entity.pdbx_description
1 polymer 'HTH-type transcriptional dual regulator CecR'
2 non-polymer 'ACETATE ION'
3 non-polymer DI(HYDROXYETHYL)ETHER
4 non-polymer 'CHLORIDE ION'
5 non-polymer 'TRIETHYLENE GLYCOL'
6 non-polymer 1,2-ETHANEDIOL
7 water water
#
_entity_poly.entity_id   1
_entity_poly.type   'polypeptide(L)'
_entity_poly.pdbx_seq_one_letter_code
;MAMNNPAMTIKGEQAKKQLIAAALAQFGEYGMNATTREIAAQAGQNIAAITYYFGSKEDLYLACAQWIADFIGEQFRPHA
EEAERLFAQPQPDRAAIRELILRACRNMIKLLTQDDTVNLSKFISREQLSPTAAYHLVHEQVISPLHSHLTRLIAAWTGC
DANDTRMILHTHALIGEILAFRLGKETILLRTGWTAFDEEKTELINQTVTCHIDLILQGLSQRSL
;
_entity_poly.pdbx_strand_id   A,B
#
loop_
_chem_comp.id
_chem_comp.type
_chem_comp.name
_chem_comp.formula
ACT non-polymer 'ACETATE ION' 'C2 H3 O2 -1'
CL non-polymer 'CHLORIDE ION' 'Cl -1'
EDO non-polymer 1,2-ETHANEDIOL 'C2 H6 O2'
PEG non-polymer DI(HYDROXYETHYL)ETHER 'C4 H10 O3'
PGE non-polymer 'TRIETHYLENE GLYCOL' 'C6 H14 O4'
#
# COMPACT_ATOMS: atom_id res chain seq x y z
N MET A 1 -5.78 -21.07 13.97
CA MET A 1 -6.95 -20.36 13.47
C MET A 1 -7.87 -21.33 12.70
N ALA A 2 -9.16 -21.34 13.03
CA ALA A 2 -10.10 -22.22 12.35
C ALA A 2 -11.39 -21.47 12.05
N MET A 3 -12.13 -22.02 11.07
CA MET A 3 -13.47 -21.55 10.75
C MET A 3 -14.44 -21.90 11.87
N ASN A 4 -15.56 -21.21 11.89
CA ASN A 4 -16.64 -21.45 12.83
C ASN A 4 -17.92 -21.83 12.08
N ASN A 5 -18.66 -22.78 12.64
CA ASN A 5 -19.99 -23.10 12.12
C ASN A 5 -20.87 -21.86 12.23
N PRO A 6 -21.80 -21.66 11.28
CA PRO A 6 -22.58 -20.42 11.28
C PRO A 6 -23.60 -20.38 12.41
N ALA A 7 -23.96 -19.15 12.80
CA ALA A 7 -24.91 -18.96 13.88
C ALA A 7 -26.27 -19.53 13.51
N MET A 8 -26.93 -20.13 14.49
CA MET A 8 -28.25 -20.70 14.26
C MET A 8 -29.39 -19.70 14.38
N THR A 9 -29.15 -18.48 14.89
CA THR A 9 -30.23 -17.54 15.13
C THR A 9 -29.87 -16.18 14.54
N ILE A 10 -30.92 -15.41 14.24
CA ILE A 10 -30.73 -14.03 13.76
C ILE A 10 -30.01 -13.19 14.80
N LYS A 11 -30.45 -13.26 16.06
CA LYS A 11 -29.78 -12.46 17.09
C LYS A 11 -28.32 -12.87 17.23
N GLY A 12 -28.02 -14.16 17.11
CA GLY A 12 -26.62 -14.58 17.12
C GLY A 12 -25.83 -14.03 15.96
N GLU A 13 -26.40 -14.10 14.75
CA GLU A 13 -25.72 -13.55 13.58
C GLU A 13 -25.48 -12.06 13.73
N GLN A 14 -26.45 -11.33 14.30
CA GLN A 14 -26.26 -9.88 14.44
C GLN A 14 -25.16 -9.57 15.43
N ALA A 15 -25.15 -10.27 16.58
CA ALA A 15 -24.10 -10.01 17.56
C ALA A 15 -22.73 -10.36 17.00
N LYS A 16 -22.63 -11.45 16.22
CA LYS A 16 -21.35 -11.77 15.59
C LYS A 16 -20.93 -10.67 14.62
N LYS A 17 -21.87 -10.08 13.89
CA LYS A 17 -21.51 -9.02 12.94
C LYS A 17 -21.00 -7.79 13.69
N GLN A 18 -21.61 -7.47 14.84
CA GLN A 18 -21.10 -6.38 15.67
C GLN A 18 -19.68 -6.67 16.14
N LEU A 19 -19.40 -7.92 16.55
CA LEU A 19 -18.06 -8.27 17.02
C LEU A 19 -17.03 -8.18 15.90
N ILE A 20 -17.40 -8.60 14.69
CA ILE A 20 -16.46 -8.53 13.55
C ILE A 20 -16.16 -7.09 13.18
N ALA A 21 -17.18 -6.22 13.16
CA ALA A 21 -16.92 -4.81 12.86
C ALA A 21 -15.95 -4.20 13.86
N ALA A 22 -16.15 -4.48 15.15
CA ALA A 22 -15.26 -3.93 16.17
C ALA A 22 -13.89 -4.58 16.09
N ALA A 23 -13.84 -5.88 15.82
CA ALA A 23 -12.55 -6.57 15.73
C ALA A 23 -11.76 -6.10 14.51
N LEU A 24 -12.43 -5.79 13.40
CA LEU A 24 -11.70 -5.24 12.26
C LEU A 24 -11.03 -3.93 12.63
N ALA A 25 -11.73 -3.07 13.38
CA ALA A 25 -11.15 -1.81 13.83
C ALA A 25 -9.95 -2.03 14.74
N GLN A 26 -10.10 -2.92 15.74
CA GLN A 26 -9.03 -3.10 16.72
C GLN A 26 -7.85 -3.90 16.16
N PHE A 27 -8.13 -5.04 15.51
CA PHE A 27 -7.09 -5.79 14.80
C PHE A 27 -6.45 -4.91 13.73
N GLY A 28 -7.26 -4.13 13.00
CA GLY A 28 -6.69 -3.27 11.97
C GLY A 28 -5.58 -2.40 12.53
N GLU A 29 -5.83 -1.81 13.70
CA GLU A 29 -4.89 -0.89 14.33
C GLU A 29 -3.77 -1.62 15.06
N TYR A 30 -4.09 -2.69 15.80
CA TYR A 30 -3.15 -3.26 16.75
C TYR A 30 -2.73 -4.70 16.43
N GLY A 31 -3.22 -5.29 15.34
CA GLY A 31 -2.86 -6.68 15.11
C GLY A 31 -3.38 -7.57 16.24
N MET A 32 -2.64 -8.65 16.52
CA MET A 32 -3.07 -9.60 17.54
CA MET A 32 -3.08 -9.60 17.54
C MET A 32 -2.87 -9.06 18.95
N ASN A 33 -2.21 -7.91 19.11
CA ASN A 33 -2.16 -7.27 20.41
C ASN A 33 -3.36 -6.38 20.66
N ALA A 34 -4.37 -6.42 19.78
CA ALA A 34 -5.71 -6.00 20.17
C ALA A 34 -6.19 -6.84 21.36
N THR A 35 -7.11 -6.30 22.13
CA THR A 35 -7.66 -7.01 23.29
C THR A 35 -9.13 -7.33 23.06
N THR A 36 -9.54 -8.52 23.51
CA THR A 36 -10.95 -8.87 23.49
C THR A 36 -11.79 -7.90 24.32
N ARG A 37 -11.21 -7.34 25.38
CA ARG A 37 -11.94 -6.36 26.19
C ARG A 37 -12.29 -5.12 25.36
N GLU A 38 -11.31 -4.56 24.64
CA GLU A 38 -11.58 -3.39 23.80
C GLU A 38 -12.48 -3.73 22.61
N ILE A 39 -12.30 -4.90 22.02
CA ILE A 39 -13.20 -5.32 20.94
C ILE A 39 -14.64 -5.41 21.47
N ALA A 40 -14.83 -6.08 22.61
CA ALA A 40 -16.17 -6.26 23.15
C ALA A 40 -16.81 -4.92 23.49
N ALA A 41 -16.05 -4.00 24.10
CA ALA A 41 -16.61 -2.70 24.43
C ALA A 41 -16.98 -1.93 23.17
N GLN A 42 -16.14 -1.97 22.14
CA GLN A 42 -16.49 -1.26 20.92
C GLN A 42 -17.73 -1.87 20.27
N ALA A 43 -17.92 -3.18 20.41
CA ALA A 43 -19.04 -3.88 19.83
C ALA A 43 -20.33 -3.75 20.65
N GLY A 44 -20.23 -3.33 21.91
CA GLY A 44 -21.40 -3.35 22.75
C GLY A 44 -21.84 -4.76 23.11
N GLN A 45 -20.91 -5.70 23.14
CA GLN A 45 -21.12 -7.07 23.61
C GLN A 45 -20.14 -7.33 24.75
N ASN A 46 -20.13 -8.54 25.27
CA ASN A 46 -19.29 -8.98 26.39
CA ASN A 46 -19.17 -8.81 26.32
C ASN A 46 -18.14 -9.84 25.88
N ILE A 47 -17.05 -9.89 26.66
CA ILE A 47 -15.91 -10.74 26.30
C ILE A 47 -16.38 -12.19 26.14
N ALA A 48 -17.26 -12.63 27.03
CA ALA A 48 -17.70 -14.02 27.01
C ALA A 48 -18.39 -14.37 25.69
N ALA A 49 -19.00 -13.39 25.02
CA ALA A 49 -19.63 -13.66 23.71
C ALA A 49 -18.58 -13.97 22.65
N ILE A 50 -17.41 -13.33 22.72
CA ILE A 50 -16.35 -13.73 21.78
C ILE A 50 -16.00 -15.19 21.99
N THR A 51 -15.93 -15.63 23.24
CA THR A 51 -15.62 -17.03 23.51
C THR A 51 -16.71 -17.95 22.97
N TYR A 52 -17.98 -17.60 23.19
CA TYR A 52 -19.05 -18.51 22.75
C TYR A 52 -19.19 -18.52 21.22
N TYR A 53 -19.19 -17.36 20.59
CA TYR A 53 -19.43 -17.33 19.14
C TYR A 53 -18.22 -17.78 18.34
N PHE A 54 -17.01 -17.45 18.78
CA PHE A 54 -15.82 -17.64 17.97
C PHE A 54 -14.79 -18.59 18.57
N GLY A 55 -14.76 -18.75 19.87
CA GLY A 55 -13.84 -19.71 20.46
C GLY A 55 -12.64 -19.02 21.08
N SER A 56 -12.03 -18.10 20.32
CA SER A 56 -10.82 -17.41 20.75
C SER A 56 -10.67 -16.13 19.94
N LYS A 57 -9.75 -15.28 20.40
CA LYS A 57 -9.32 -14.09 19.67
C LYS A 57 -8.80 -14.45 18.27
N GLU A 58 -7.96 -15.49 18.17
CA GLU A 58 -7.39 -15.91 16.89
C GLU A 58 -8.48 -16.37 15.92
N ASP A 59 -9.50 -17.08 16.40
CA ASP A 59 -10.60 -17.47 15.52
C ASP A 59 -11.40 -16.24 15.08
N LEU A 60 -11.56 -15.26 15.96
CA LEU A 60 -12.23 -14.04 15.57
C LEU A 60 -11.42 -13.29 14.51
N TYR A 61 -10.09 -13.32 14.64
CA TYR A 61 -9.22 -12.72 13.64
C TYR A 61 -9.41 -13.36 12.26
N LEU A 62 -9.49 -14.69 12.21
CA LEU A 62 -9.75 -15.35 10.94
C LEU A 62 -11.15 -15.03 10.41
N ALA A 63 -12.14 -14.89 11.30
CA ALA A 63 -13.47 -14.47 10.86
C ALA A 63 -13.47 -13.09 10.23
N CYS A 64 -12.57 -12.22 10.69
CA CYS A 64 -12.45 -10.89 10.08
C CYS A 64 -11.93 -11.04 8.66
N ALA A 65 -10.90 -11.87 8.46
CA ALA A 65 -10.39 -12.13 7.12
C ALA A 65 -11.49 -12.67 6.22
N GLN A 66 -12.27 -13.64 6.73
CA GLN A 66 -13.35 -14.21 5.93
C GLN A 66 -14.36 -13.13 5.57
N TRP A 67 -14.66 -12.23 6.50
CA TRP A 67 -15.61 -11.15 6.20
C TRP A 67 -15.05 -10.25 5.09
N ILE A 68 -13.77 -9.91 5.17
CA ILE A 68 -13.13 -9.09 4.13
C ILE A 68 -13.23 -9.78 2.77
N ALA A 69 -12.94 -11.07 2.74
CA ALA A 69 -13.02 -11.81 1.48
C ALA A 69 -14.43 -11.78 0.91
N ASP A 70 -15.44 -12.00 1.76
CA ASP A 70 -16.82 -11.97 1.28
C ASP A 70 -17.20 -10.58 0.79
N PHE A 71 -16.75 -9.52 1.48
CA PHE A 71 -17.15 -8.17 1.10
C PHE A 71 -16.53 -7.78 -0.25
N ILE A 72 -15.22 -7.96 -0.42
CA ILE A 72 -14.60 -7.66 -1.71
C ILE A 72 -15.19 -8.55 -2.81
N GLY A 73 -15.36 -9.84 -2.51
CA GLY A 73 -15.92 -10.75 -3.49
C GLY A 73 -17.29 -10.30 -4.00
N GLU A 74 -18.14 -9.78 -3.10
CA GLU A 74 -19.44 -9.34 -3.56
C GLU A 74 -19.35 -8.03 -4.33
N GLN A 75 -18.41 -7.14 -3.97
CA GLN A 75 -18.24 -5.90 -4.74
C GLN A 75 -17.81 -6.18 -6.17
N PHE A 76 -17.04 -7.24 -6.39
CA PHE A 76 -16.53 -7.41 -7.75
CA PHE A 76 -16.33 -7.62 -7.61
C PHE A 76 -17.09 -8.63 -8.45
N ARG A 77 -18.08 -9.30 -7.87
CA ARG A 77 -18.81 -10.34 -8.60
C ARG A 77 -19.40 -9.86 -9.93
N PRO A 78 -20.10 -8.72 -10.02
CA PRO A 78 -20.58 -8.28 -11.33
C PRO A 78 -19.47 -8.10 -12.35
N HIS A 79 -18.31 -7.61 -11.93
CA HIS A 79 -17.18 -7.45 -12.86
C HIS A 79 -16.68 -8.79 -13.34
N ALA A 80 -16.53 -9.75 -12.43
CA ALA A 80 -16.10 -11.09 -12.79
C ALA A 80 -17.06 -11.72 -13.78
N GLU A 81 -18.37 -11.56 -13.54
CA GLU A 81 -19.36 -12.11 -14.45
C GLU A 81 -19.24 -11.48 -15.83
N GLU A 82 -19.07 -10.16 -15.89
CA GLU A 82 -18.93 -9.50 -17.17
C GLU A 82 -17.64 -9.92 -17.88
N ALA A 83 -16.56 -10.10 -17.12
CA ALA A 83 -15.30 -10.51 -17.74
C ALA A 83 -15.43 -11.88 -18.37
N GLU A 84 -16.13 -12.81 -17.71
CA GLU A 84 -16.31 -14.13 -18.26
C GLU A 84 -17.20 -14.11 -19.49
N ARG A 85 -18.22 -13.25 -19.53
CA ARG A 85 -19.01 -13.14 -20.75
C ARG A 85 -18.14 -12.65 -21.91
N LEU A 86 -17.15 -11.81 -21.61
CA LEU A 86 -16.23 -11.36 -22.65
C LEU A 86 -15.26 -12.46 -23.04
N PHE A 87 -14.64 -13.12 -22.05
CA PHE A 87 -13.62 -14.12 -22.33
C PHE A 87 -14.16 -15.23 -23.23
N ALA A 88 -15.43 -15.60 -23.07
CA ALA A 88 -16.05 -16.65 -23.86
C ALA A 88 -16.43 -16.18 -25.26
N GLN A 89 -16.04 -14.97 -25.63
CA GLN A 89 -16.38 -14.49 -26.96
C GLN A 89 -15.25 -14.80 -27.96
N PRO A 90 -15.60 -15.28 -29.16
CA PRO A 90 -14.55 -15.46 -30.18
C PRO A 90 -13.90 -14.15 -30.59
N GLN A 91 -14.70 -13.10 -30.76
CA GLN A 91 -14.27 -11.79 -31.27
C GLN A 91 -14.47 -10.75 -30.17
N PRO A 92 -13.57 -10.69 -29.19
CA PRO A 92 -13.80 -9.82 -28.01
C PRO A 92 -13.61 -8.36 -28.39
N ASP A 93 -14.65 -7.56 -28.15
CA ASP A 93 -14.62 -6.14 -28.46
CA ASP A 93 -14.64 -6.14 -28.44
C ASP A 93 -13.56 -5.45 -27.61
N ARG A 94 -12.53 -4.90 -28.28
CA ARG A 94 -11.48 -4.21 -27.54
C ARG A 94 -12.04 -3.05 -26.73
N ALA A 95 -13.03 -2.34 -27.27
CA ALA A 95 -13.68 -1.28 -26.52
C ALA A 95 -14.34 -1.81 -25.25
N ALA A 96 -15.02 -2.96 -25.33
CA ALA A 96 -15.65 -3.53 -24.14
C ALA A 96 -14.60 -3.93 -23.11
N ILE A 97 -13.46 -4.46 -23.57
CA ILE A 97 -12.39 -4.83 -22.65
C ILE A 97 -11.90 -3.60 -21.88
N ARG A 98 -11.61 -2.52 -22.60
CA ARG A 98 -11.19 -1.28 -21.94
C ARG A 98 -12.28 -0.76 -20.99
N GLU A 99 -13.55 -0.80 -21.41
CA GLU A 99 -14.61 -0.31 -20.54
C GLU A 99 -14.67 -1.09 -19.23
N LEU A 100 -14.41 -2.40 -19.29
CA LEU A 100 -14.44 -3.21 -18.08
CA LEU A 100 -14.44 -3.21 -18.08
C LEU A 100 -13.25 -2.89 -17.18
N ILE A 101 -12.08 -2.67 -17.76
CA ILE A 101 -10.91 -2.30 -16.96
C ILE A 101 -11.15 -1.00 -16.23
N LEU A 102 -11.66 0.01 -16.95
CA LEU A 102 -11.85 1.34 -16.35
C LEU A 102 -12.94 1.32 -15.28
N ARG A 103 -14.00 0.53 -15.49
CA ARG A 103 -15.06 0.50 -14.49
CA ARG A 103 -15.07 0.46 -14.51
C ARG A 103 -14.61 -0.22 -13.23
N ALA A 104 -13.85 -1.32 -13.37
CA ALA A 104 -13.27 -1.98 -12.20
C ALA A 104 -12.38 -1.03 -11.42
N CYS A 105 -11.52 -0.30 -12.12
CA CYS A 105 -10.63 0.68 -11.48
CA CYS A 105 -10.63 0.62 -11.42
C CYS A 105 -11.42 1.77 -10.79
N ARG A 106 -12.46 2.28 -11.46
CA ARG A 106 -13.25 3.33 -10.83
C ARG A 106 -14.00 2.80 -9.60
N ASN A 107 -14.46 1.55 -9.63
CA ASN A 107 -15.11 0.96 -8.47
C ASN A 107 -14.13 0.81 -7.32
N MET A 108 -12.90 0.36 -7.62
N MET A 108 -12.88 0.41 -7.60
CA MET A 108 -11.88 0.23 -6.56
CA MET A 108 -11.92 0.23 -6.52
C MET A 108 -11.56 1.57 -5.93
C MET A 108 -11.49 1.56 -5.93
N ILE A 109 -11.29 2.59 -6.77
CA ILE A 109 -10.94 3.91 -6.27
C ILE A 109 -12.04 4.45 -5.37
N LYS A 110 -13.30 4.33 -5.80
CA LYS A 110 -14.43 4.79 -5.00
C LYS A 110 -14.45 4.13 -3.63
N LEU A 111 -14.36 2.80 -3.58
CA LEU A 111 -14.34 2.07 -2.31
C LEU A 111 -13.16 2.49 -1.45
N LEU A 112 -12.01 2.74 -2.07
CA LEU A 112 -10.80 3.08 -1.34
C LEU A 112 -10.65 4.56 -1.06
N THR A 113 -11.72 5.34 -1.24
CA THR A 113 -11.80 6.69 -0.68
C THR A 113 -12.99 6.84 0.26
N GLN A 114 -13.62 5.73 0.65
CA GLN A 114 -14.68 5.74 1.66
C GLN A 114 -14.12 5.48 3.05
N ASP A 115 -14.57 6.27 4.02
CA ASP A 115 -14.13 6.08 5.41
C ASP A 115 -14.42 4.67 5.91
N ASP A 116 -15.54 4.10 5.51
CA ASP A 116 -15.91 2.83 6.13
C ASP A 116 -15.14 1.61 5.58
N THR A 117 -14.16 1.78 4.69
CA THR A 117 -13.30 0.67 4.32
C THR A 117 -11.89 0.80 4.86
N VAL A 118 -11.60 1.85 5.63
CA VAL A 118 -10.24 2.06 6.11
C VAL A 118 -9.78 0.88 6.98
N ASN A 119 -10.66 0.36 7.84
CA ASN A 119 -10.24 -0.72 8.71
C ASN A 119 -9.88 -1.96 7.92
N LEU A 120 -10.64 -2.26 6.86
CA LEU A 120 -10.30 -3.34 5.95
C LEU A 120 -8.90 -3.16 5.38
N SER A 121 -8.58 -1.92 4.98
CA SER A 121 -7.27 -1.62 4.41
C SER A 121 -6.17 -1.81 5.45
N LYS A 122 -6.40 -1.33 6.68
CA LYS A 122 -5.44 -1.56 7.76
C LYS A 122 -5.16 -3.05 7.94
N PHE A 123 -6.22 -3.85 7.94
CA PHE A 123 -6.09 -5.29 8.18
C PHE A 123 -5.26 -5.96 7.10
N ILE A 124 -5.58 -5.68 5.83
CA ILE A 124 -4.86 -6.31 4.72
C ILE A 124 -3.43 -5.80 4.63
N SER A 125 -3.20 -4.50 4.83
CA SER A 125 -1.84 -3.98 4.70
CA SER A 125 -1.84 -3.98 4.69
CA SER A 125 -1.85 -3.97 4.70
C SER A 125 -0.88 -4.64 5.68
N ARG A 126 -1.33 -4.86 6.92
CA ARG A 126 -0.44 -5.56 7.85
C ARG A 126 -0.17 -6.98 7.35
N GLU A 127 -1.18 -7.64 6.81
CA GLU A 127 -1.02 -9.02 6.33
C GLU A 127 -0.14 -9.11 5.08
N GLN A 128 -0.11 -8.05 4.24
CA GLN A 128 0.81 -8.05 3.10
C GLN A 128 2.25 -8.12 3.54
N LEU A 129 2.58 -7.53 4.69
CA LEU A 129 3.96 -7.43 5.14
C LEU A 129 4.32 -8.47 6.18
N SER A 130 3.31 -9.09 6.79
CA SER A 130 3.50 -10.13 7.80
CA SER A 130 3.52 -10.15 7.79
C SER A 130 2.38 -11.16 7.64
N PRO A 131 2.40 -11.96 6.58
CA PRO A 131 1.22 -12.78 6.27
C PRO A 131 1.03 -13.92 7.26
N THR A 132 -0.21 -14.15 7.64
CA THR A 132 -0.65 -15.31 8.42
C THR A 132 -1.62 -16.12 7.55
N ALA A 133 -2.30 -17.09 8.18
CA ALA A 133 -3.36 -17.81 7.47
C ALA A 133 -4.43 -16.86 6.95
N ALA A 134 -4.65 -15.73 7.63
CA ALA A 134 -5.65 -14.78 7.18
C ALA A 134 -5.34 -14.25 5.77
N TYR A 135 -4.09 -13.85 5.50
CA TYR A 135 -3.80 -13.35 4.14
C TYR A 135 -4.12 -14.42 3.09
N HIS A 136 -3.74 -15.67 3.35
CA HIS A 136 -3.91 -16.68 2.33
CA HIS A 136 -3.92 -16.76 2.39
C HIS A 136 -5.39 -16.99 2.07
N LEU A 137 -6.24 -16.96 3.10
CA LEU A 137 -7.68 -17.04 2.90
C LEU A 137 -8.15 -15.96 1.92
N VAL A 138 -7.83 -14.70 2.19
CA VAL A 138 -8.31 -13.61 1.33
C VAL A 138 -7.68 -13.70 -0.06
N HIS A 139 -6.39 -14.06 -0.14
CA HIS A 139 -5.72 -14.16 -1.43
C HIS A 139 -6.40 -15.18 -2.33
N GLU A 140 -6.60 -16.40 -1.82
CA GLU A 140 -7.15 -17.49 -2.63
C GLU A 140 -8.60 -17.20 -3.03
N GLN A 141 -9.39 -16.58 -2.14
CA GLN A 141 -10.80 -16.39 -2.43
C GLN A 141 -11.07 -15.21 -3.38
N VAL A 142 -10.29 -14.14 -3.32
CA VAL A 142 -10.72 -12.96 -4.06
C VAL A 142 -9.54 -12.14 -4.61
N ILE A 143 -8.47 -11.95 -3.84
CA ILE A 143 -7.40 -11.07 -4.34
C ILE A 143 -6.75 -11.66 -5.58
N SER A 144 -6.42 -12.94 -5.54
CA SER A 144 -5.76 -13.53 -6.68
C SER A 144 -6.73 -13.61 -7.86
N PRO A 145 -8.01 -14.03 -7.67
CA PRO A 145 -8.94 -14.00 -8.83
C PRO A 145 -9.18 -12.62 -9.42
N LEU A 146 -9.24 -11.56 -8.60
CA LEU A 146 -9.38 -10.21 -9.15
CA LEU A 146 -9.37 -10.21 -9.14
C LEU A 146 -8.10 -9.76 -9.85
N HIS A 147 -6.94 -9.99 -9.22
CA HIS A 147 -5.66 -9.66 -9.84
C HIS A 147 -5.52 -10.38 -11.18
N SER A 148 -5.90 -11.66 -11.22
CA SER A 148 -5.84 -12.45 -12.45
CA SER A 148 -5.84 -12.45 -12.45
C SER A 148 -6.84 -11.96 -13.49
N HIS A 149 -8.02 -11.55 -13.05
CA HIS A 149 -9.02 -11.05 -13.99
CA HIS A 149 -9.02 -11.05 -13.98
C HIS A 149 -8.55 -9.76 -14.64
N LEU A 150 -7.91 -8.86 -13.87
CA LEU A 150 -7.38 -7.64 -14.48
C LEU A 150 -6.19 -7.94 -15.40
N THR A 151 -5.32 -8.89 -15.01
CA THR A 151 -4.22 -9.28 -15.88
C THR A 151 -4.74 -9.85 -17.19
N ARG A 152 -5.76 -10.68 -17.12
CA ARG A 152 -6.30 -11.29 -18.33
C ARG A 152 -6.96 -10.25 -19.24
N LEU A 153 -7.56 -9.21 -18.66
CA LEU A 153 -8.16 -8.16 -19.50
C LEU A 153 -7.08 -7.32 -20.17
N ILE A 154 -6.05 -6.96 -19.43
CA ILE A 154 -4.91 -6.23 -19.99
C ILE A 154 -4.25 -7.06 -21.10
N ALA A 155 -4.03 -8.36 -20.85
CA ALA A 155 -3.43 -9.23 -21.86
C ALA A 155 -4.31 -9.32 -23.09
N ALA A 156 -5.63 -9.43 -22.91
CA ALA A 156 -6.53 -9.46 -24.06
C ALA A 156 -6.44 -8.18 -24.88
N TRP A 157 -6.39 -7.03 -24.19
CA TRP A 157 -6.26 -5.75 -24.89
C TRP A 157 -4.97 -5.68 -25.69
N THR A 158 -3.87 -6.01 -25.05
CA THR A 158 -2.55 -5.87 -25.65
C THR A 158 -2.19 -7.02 -26.59
N GLY A 159 -2.90 -8.14 -26.52
CA GLY A 159 -2.51 -9.31 -27.26
C GLY A 159 -1.35 -10.09 -26.68
N CYS A 160 -1.04 -9.91 -25.41
CA CYS A 160 0.05 -10.62 -24.76
C CYS A 160 -0.48 -11.85 -24.01
N ASP A 161 0.44 -12.60 -23.43
CA ASP A 161 0.14 -13.82 -22.69
C ASP A 161 -0.09 -13.46 -21.23
N ALA A 162 -1.29 -13.76 -20.72
CA ALA A 162 -1.65 -13.37 -19.36
C ALA A 162 -0.81 -14.10 -18.30
N ASN A 163 -0.28 -15.27 -18.62
CA ASN A 163 0.59 -16.01 -17.70
C ASN A 163 2.04 -15.53 -17.74
N ASP A 164 2.42 -14.76 -18.75
CA ASP A 164 3.75 -14.18 -18.84
C ASP A 164 4.07 -13.37 -17.58
N THR A 165 5.24 -13.64 -16.97
CA THR A 165 5.71 -12.84 -15.84
C THR A 165 5.58 -11.34 -16.12
N ARG A 166 5.89 -10.90 -17.35
CA ARG A 166 5.77 -9.49 -17.69
C ARG A 166 4.39 -8.94 -17.44
N MET A 167 3.36 -9.59 -17.98
CA MET A 167 2.01 -9.08 -17.81
C MET A 167 1.60 -9.05 -16.34
N ILE A 168 2.04 -10.02 -15.55
CA ILE A 168 1.70 -10.03 -14.12
C ILE A 168 2.32 -8.81 -13.43
N LEU A 169 3.57 -8.49 -13.78
CA LEU A 169 4.25 -7.35 -13.19
C LEU A 169 3.61 -6.03 -13.62
N HIS A 170 3.31 -5.89 -14.92
CA HIS A 170 2.64 -4.68 -15.40
C HIS A 170 1.34 -4.46 -14.65
N THR A 171 0.55 -5.52 -14.51
CA THR A 171 -0.72 -5.42 -13.80
C THR A 171 -0.51 -5.02 -12.36
N HIS A 172 0.44 -5.66 -11.67
CA HIS A 172 0.68 -5.33 -10.28
C HIS A 172 1.07 -3.85 -10.11
N ALA A 173 1.96 -3.35 -10.95
CA ALA A 173 2.36 -1.95 -10.89
C ALA A 173 1.17 -1.03 -11.09
N LEU A 174 0.32 -1.36 -12.06
CA LEU A 174 -0.87 -0.54 -12.32
CA LEU A 174 -0.88 -0.56 -12.33
C LEU A 174 -1.82 -0.54 -11.13
N ILE A 175 -2.06 -1.70 -10.53
CA ILE A 175 -2.92 -1.75 -9.34
C ILE A 175 -2.36 -0.86 -8.22
N GLY A 176 -1.05 -0.70 -8.16
CA GLY A 176 -0.48 0.17 -7.15
C GLY A 176 -0.92 1.61 -7.31
N GLU A 177 -1.16 2.05 -8.56
CA GLU A 177 -1.72 3.37 -8.80
C GLU A 177 -3.10 3.50 -8.20
N ILE A 178 -3.91 2.45 -8.34
CA ILE A 178 -5.28 2.45 -7.84
C ILE A 178 -5.30 2.42 -6.32
N LEU A 179 -4.33 1.76 -5.68
CA LEU A 179 -4.29 1.67 -4.23
C LEU A 179 -3.63 2.87 -3.57
N ALA A 180 -2.95 3.73 -4.34
CA ALA A 180 -2.06 4.73 -3.76
C ALA A 180 -2.80 5.78 -2.95
N PHE A 181 -4.07 6.04 -3.29
CA PHE A 181 -4.80 7.09 -2.60
C PHE A 181 -5.41 6.61 -1.29
N ARG A 182 -5.33 5.32 -1.02
CA ARG A 182 -5.62 4.74 0.29
C ARG A 182 -4.33 4.46 1.06
N LEU A 183 -3.39 3.73 0.44
CA LEU A 183 -2.17 3.31 1.13
C LEU A 183 -1.22 4.49 1.36
N GLY A 184 -1.32 5.54 0.53
CA GLY A 184 -0.62 6.78 0.79
C GLY A 184 -1.55 7.93 1.14
N LYS A 185 -2.62 7.59 1.87
CA LYS A 185 -3.69 8.56 2.14
C LYS A 185 -3.20 9.84 2.80
N GLU A 186 -2.49 9.71 3.92
CA GLU A 186 -2.08 10.94 4.60
C GLU A 186 -1.10 11.74 3.75
N THR A 187 -0.20 11.06 3.02
CA THR A 187 0.73 11.79 2.17
C THR A 187 -0.02 12.65 1.16
N ILE A 188 -1.03 12.09 0.49
CA ILE A 188 -1.67 12.84 -0.60
C ILE A 188 -2.66 13.86 -0.07
N LEU A 189 -3.29 13.62 1.09
CA LEU A 189 -4.13 14.66 1.69
C LEU A 189 -3.30 15.92 2.00
N LEU A 190 -2.16 15.75 2.67
CA LEU A 190 -1.34 16.91 3.00
C LEU A 190 -0.75 17.56 1.74
N ARG A 191 -0.33 16.76 0.75
CA ARG A 191 0.30 17.35 -0.43
C ARG A 191 -0.69 18.15 -1.26
N THR A 192 -1.95 17.73 -1.29
CA THR A 192 -2.97 18.49 -2.01
C THR A 192 -3.58 19.61 -1.17
N GLY A 193 -3.44 19.54 0.16
CA GLY A 193 -4.17 20.46 1.01
C GLY A 193 -5.58 20.01 1.31
N TRP A 194 -6.01 18.87 0.79
CA TRP A 194 -7.33 18.36 1.13
C TRP A 194 -7.36 17.83 2.56
N THR A 195 -8.45 18.08 3.26
CA THR A 195 -8.59 17.49 4.58
C THR A 195 -9.35 16.17 4.55
N ALA A 196 -10.07 15.91 3.46
CA ALA A 196 -10.87 14.70 3.30
C ALA A 196 -11.19 14.54 1.82
N PHE A 197 -11.41 13.31 1.39
CA PHE A 197 -11.93 13.10 0.05
C PHE A 197 -13.42 13.42 0.02
N ASP A 198 -13.92 13.70 -1.19
CA ASP A 198 -15.36 13.81 -1.42
C ASP A 198 -15.62 13.37 -2.85
N GLU A 199 -16.87 13.53 -3.31
CA GLU A 199 -17.25 13.12 -4.66
C GLU A 199 -16.34 13.74 -5.71
N GLU A 200 -16.24 15.07 -5.68
CA GLU A 200 -15.45 15.81 -6.65
C GLU A 200 -13.99 15.36 -6.63
N LYS A 201 -13.40 15.29 -5.43
CA LYS A 201 -11.99 14.94 -5.35
C LYS A 201 -11.76 13.50 -5.80
N THR A 202 -12.71 12.60 -5.51
CA THR A 202 -12.60 11.22 -5.96
C THR A 202 -12.69 11.14 -7.48
N GLU A 203 -13.55 11.96 -8.09
CA GLU A 203 -13.63 12.01 -9.55
C GLU A 203 -12.32 12.51 -10.16
N LEU A 204 -11.69 13.50 -9.55
CA LEU A 204 -10.36 13.95 -9.99
C LEU A 204 -9.35 12.80 -9.93
N ILE A 205 -9.36 12.04 -8.82
CA ILE A 205 -8.48 10.88 -8.71
C ILE A 205 -8.79 9.88 -9.83
N ASN A 206 -10.06 9.60 -10.08
CA ASN A 206 -10.42 8.64 -11.11
C ASN A 206 -9.96 9.11 -12.50
N GLN A 207 -10.11 10.40 -12.79
CA GLN A 207 -9.62 10.93 -14.06
C GLN A 207 -8.11 10.74 -14.18
N THR A 208 -7.39 10.94 -13.08
CA THR A 208 -5.93 10.78 -13.11
C THR A 208 -5.55 9.33 -13.40
N VAL A 209 -6.14 8.39 -12.67
CA VAL A 209 -5.74 6.99 -12.81
C VAL A 209 -6.18 6.45 -14.15
N THR A 210 -7.38 6.84 -14.60
CA THR A 210 -7.85 6.46 -15.93
C THR A 210 -6.91 6.93 -17.03
N CYS A 211 -6.45 8.19 -16.94
CA CYS A 211 -5.45 8.68 -17.89
C CYS A 211 -4.26 7.74 -17.94
N HIS A 212 -3.73 7.36 -16.78
CA HIS A 212 -2.56 6.50 -16.74
C HIS A 212 -2.85 5.12 -17.34
N ILE A 213 -4.01 4.54 -17.01
CA ILE A 213 -4.37 3.23 -17.57
C ILE A 213 -4.39 3.28 -19.09
N ASP A 214 -4.97 4.34 -19.65
CA ASP A 214 -5.03 4.46 -21.09
C ASP A 214 -3.64 4.60 -21.72
N LEU A 215 -2.77 5.37 -21.08
CA LEU A 215 -1.42 5.56 -21.64
C LEU A 215 -0.64 4.26 -21.60
N ILE A 216 -0.82 3.48 -20.54
CA ILE A 216 -0.12 2.20 -20.38
C ILE A 216 -0.68 1.15 -21.34
N LEU A 217 -2.01 1.01 -21.38
CA LEU A 217 -2.67 0.15 -22.38
C LEU A 217 -2.18 0.44 -23.80
N GLN A 218 -2.19 1.71 -24.20
CA GLN A 218 -1.70 2.09 -25.51
C GLN A 218 -0.23 1.70 -25.69
N GLY A 219 0.61 1.99 -24.70
CA GLY A 219 2.02 1.70 -24.83
C GLY A 219 2.32 0.21 -24.89
N LEU A 220 1.57 -0.60 -24.14
CA LEU A 220 1.81 -2.03 -24.15
C LEU A 220 1.27 -2.70 -25.40
N SER A 221 0.34 -2.06 -26.12
CA SER A 221 -0.20 -2.61 -27.35
C SER A 221 0.66 -2.28 -28.56
N GLN A 222 1.61 -1.37 -28.44
CA GLN A 222 2.55 -1.14 -29.51
C GLN A 222 3.34 -2.42 -29.73
N ARG A 223 3.62 -2.72 -31.00
CA ARG A 223 4.28 -3.92 -31.51
C ARG A 223 3.33 -5.10 -31.66
N SER A 224 2.13 -5.07 -31.08
CA SER A 224 1.15 -6.15 -31.27
C SER A 224 0.64 -6.16 -32.71
N THR B 9 28.17 5.96 27.54
CA THR B 9 28.02 6.83 26.38
C THR B 9 28.07 6.07 25.06
N ILE B 10 29.11 5.26 24.85
CA ILE B 10 29.18 4.39 23.68
C ILE B 10 28.45 3.08 23.94
N LYS B 11 28.52 2.57 25.18
CA LYS B 11 27.64 1.49 25.60
C LYS B 11 26.17 1.86 25.41
N GLY B 12 25.83 3.12 25.71
CA GLY B 12 24.45 3.55 25.58
C GLY B 12 24.00 3.71 24.15
N GLU B 13 24.92 4.07 23.26
CA GLU B 13 24.50 4.24 21.87
C GLU B 13 24.22 2.89 21.21
N GLN B 14 24.93 1.83 21.62
CA GLN B 14 24.57 0.49 21.17
C GLN B 14 23.23 0.05 21.74
N ALA B 15 23.01 0.27 23.03
CA ALA B 15 21.72 -0.05 23.65
C ALA B 15 20.58 0.70 22.95
N LYS B 16 20.78 1.99 22.65
CA LYS B 16 19.73 2.76 21.98
C LYS B 16 19.47 2.23 20.58
N LYS B 17 20.52 1.77 19.89
CA LYS B 17 20.34 1.26 18.54
C LYS B 17 19.56 -0.04 18.55
N GLN B 18 19.83 -0.93 19.51
CA GLN B 18 19.03 -2.15 19.62
C GLN B 18 17.59 -1.85 20.01
N LEU B 19 17.38 -0.86 20.89
CA LEU B 19 16.02 -0.52 21.30
C LEU B 19 15.20 0.02 20.13
N ILE B 20 15.79 0.92 19.32
CA ILE B 20 15.08 1.41 18.14
C ILE B 20 14.77 0.28 17.17
N ALA B 21 15.76 -0.60 16.90
CA ALA B 21 15.51 -1.69 15.96
C ALA B 21 14.38 -2.60 16.46
N ALA B 22 14.37 -2.94 17.75
CA ALA B 22 13.31 -3.78 18.30
C ALA B 22 11.97 -3.04 18.32
N ALA B 23 11.98 -1.75 18.71
CA ALA B 23 10.75 -0.98 18.74
C ALA B 23 10.14 -0.86 17.35
N LEU B 24 10.97 -0.65 16.33
CA LEU B 24 10.46 -0.57 14.96
C LEU B 24 9.70 -1.84 14.57
N ALA B 25 10.23 -3.00 14.92
CA ALA B 25 9.56 -4.26 14.62
C ALA B 25 8.25 -4.40 15.41
N GLN B 26 8.27 -4.08 16.71
CA GLN B 26 7.08 -4.27 17.54
C GLN B 26 6.02 -3.21 17.23
N PHE B 27 6.42 -1.93 17.19
CA PHE B 27 5.47 -0.88 16.79
C PHE B 27 4.94 -1.12 15.39
N GLY B 28 5.80 -1.60 14.49
CA GLY B 28 5.40 -1.77 13.11
C GLY B 28 4.26 -2.75 12.99
N GLU B 29 4.26 -3.76 13.85
CA GLU B 29 3.24 -4.80 13.89
C GLU B 29 2.05 -4.43 14.78
N TYR B 30 2.29 -3.84 15.96
CA TYR B 30 1.26 -3.69 16.97
C TYR B 30 0.91 -2.25 17.33
N GLY B 31 1.55 -1.26 16.68
CA GLY B 31 1.37 0.12 17.12
C GLY B 31 1.69 0.28 18.60
N MET B 32 0.91 1.13 19.26
CA MET B 32 1.14 1.45 20.67
C MET B 32 0.69 0.33 21.61
N ASN B 33 0.06 -0.74 21.12
CA ASN B 33 -0.18 -1.94 21.91
C ASN B 33 1.00 -2.90 21.88
N ALA B 34 2.13 -2.52 21.29
CA ALA B 34 3.38 -3.20 21.60
C ALA B 34 3.69 -2.99 23.08
N THR B 35 4.43 -3.92 23.68
CA THR B 35 4.72 -3.84 25.09
C THR B 35 6.17 -3.44 25.30
N THR B 36 6.42 -2.64 26.33
CA THR B 36 7.81 -2.36 26.68
C THR B 36 8.53 -3.66 27.01
N ARG B 37 7.81 -4.61 27.60
CA ARG B 37 8.38 -5.89 27.95
C ARG B 37 8.93 -6.60 26.72
N GLU B 38 8.13 -6.68 25.66
CA GLU B 38 8.59 -7.38 24.48
C GLU B 38 9.62 -6.58 23.69
N ILE B 39 9.49 -5.25 23.67
CA ILE B 39 10.54 -4.42 23.04
C ILE B 39 11.88 -4.64 23.73
N ALA B 40 11.89 -4.57 25.06
CA ALA B 40 13.14 -4.71 25.80
C ALA B 40 13.73 -6.12 25.63
N ALA B 41 12.89 -7.15 25.66
CA ALA B 41 13.39 -8.51 25.50
C ALA B 41 14.02 -8.70 24.12
N GLN B 42 13.33 -8.24 23.07
CA GLN B 42 13.92 -8.37 21.73
C GLN B 42 15.21 -7.57 21.63
N ALA B 43 15.32 -6.46 22.36
CA ALA B 43 16.54 -5.66 22.32
C ALA B 43 17.63 -6.18 23.24
N GLY B 44 17.38 -7.24 24.00
CA GLY B 44 18.36 -7.70 24.97
C GLY B 44 18.59 -6.76 26.12
N GLN B 45 17.58 -5.98 26.52
CA GLN B 45 17.72 -4.95 27.53
C GLN B 45 16.66 -5.10 28.61
N ASN B 46 16.83 -4.36 29.71
CA ASN B 46 15.83 -4.30 30.75
C ASN B 46 14.80 -3.23 30.37
N ILE B 47 13.55 -3.40 30.86
CA ILE B 47 12.51 -2.43 30.49
C ILE B 47 12.88 -1.03 30.95
N ALA B 48 13.70 -0.91 32.00
CA ALA B 48 14.09 0.40 32.50
C ALA B 48 14.89 1.20 31.47
N ALA B 49 15.62 0.52 30.57
CA ALA B 49 16.42 1.23 29.58
C ALA B 49 15.55 2.10 28.68
N ILE B 50 14.28 1.72 28.47
CA ILE B 50 13.40 2.54 27.64
C ILE B 50 13.14 3.89 28.31
N THR B 51 12.86 3.87 29.62
CA THR B 51 12.63 5.10 30.37
C THR B 51 13.91 5.91 30.50
N TYR B 52 15.03 5.24 30.76
CA TYR B 52 16.29 5.94 30.92
C TYR B 52 16.74 6.61 29.62
N TYR B 53 16.78 5.85 28.51
CA TYR B 53 17.37 6.38 27.28
C TYR B 53 16.41 7.25 26.49
N PHE B 54 15.10 7.00 26.59
CA PHE B 54 14.15 7.73 25.75
C PHE B 54 13.09 8.49 26.51
N GLY B 55 12.82 8.12 27.76
CA GLY B 55 11.85 8.83 28.58
C GLY B 55 10.57 8.06 28.82
N SER B 56 10.11 7.32 27.81
CA SER B 56 8.82 6.62 27.86
C SER B 56 8.68 5.81 26.58
N LYS B 57 7.66 4.94 26.57
CA LYS B 57 7.31 4.20 25.37
C LYS B 57 6.91 5.16 24.25
N GLU B 58 6.14 6.20 24.61
CA GLU B 58 5.71 7.22 23.65
CA GLU B 58 5.71 7.18 23.61
C GLU B 58 6.90 7.93 23.01
N ASP B 59 7.88 8.31 23.84
CA ASP B 59 9.07 8.96 23.31
C ASP B 59 9.87 8.02 22.43
N LEU B 60 9.92 6.73 22.77
CA LEU B 60 10.61 5.79 21.90
C LEU B 60 9.89 5.62 20.57
N TYR B 61 8.55 5.67 20.58
CA TYR B 61 7.81 5.64 19.33
C TYR B 61 8.21 6.81 18.42
N LEU B 62 8.36 8.00 18.99
CA LEU B 62 8.77 9.15 18.19
C LEU B 62 10.22 9.03 17.72
N ALA B 63 11.11 8.49 18.56
CA ALA B 63 12.48 8.28 18.13
C ALA B 63 12.56 7.27 16.98
N CYS B 64 11.58 6.37 16.91
CA CYS B 64 11.51 5.45 15.79
C CYS B 64 11.17 6.22 14.52
N ALA B 65 10.20 7.13 14.61
CA ALA B 65 9.88 7.98 13.46
C ALA B 65 11.07 8.83 13.05
N GLN B 66 11.80 9.38 14.04
CA GLN B 66 12.98 10.20 13.74
C GLN B 66 14.03 9.38 13.02
N TRP B 67 14.25 8.15 13.48
CA TRP B 67 15.21 7.28 12.82
C TRP B 67 14.82 7.01 11.38
N ILE B 68 13.54 6.73 11.14
CA ILE B 68 13.08 6.50 9.76
C ILE B 68 13.31 7.74 8.90
N ALA B 69 12.97 8.92 9.43
CA ALA B 69 13.21 10.15 8.68
C ALA B 69 14.68 10.35 8.37
N ASP B 70 15.57 10.06 9.34
CA ASP B 70 17.00 10.17 9.09
C ASP B 70 17.46 9.16 8.05
N PHE B 71 16.95 7.93 8.12
CA PHE B 71 17.34 6.91 7.16
C PHE B 71 16.93 7.30 5.73
N ILE B 72 15.69 7.73 5.56
CA ILE B 72 15.24 8.14 4.23
CA ILE B 72 15.25 8.13 4.22
C ILE B 72 16.03 9.36 3.77
N GLY B 73 16.24 10.32 4.67
CA GLY B 73 16.97 11.53 4.31
C GLY B 73 18.37 11.27 3.77
N GLU B 74 19.08 10.31 4.37
CA GLU B 74 20.41 9.98 3.87
C GLU B 74 20.37 9.36 2.49
N GLN B 75 19.31 8.60 2.17
CA GLN B 75 19.16 8.10 0.81
C GLN B 75 18.75 9.21 -0.16
N PHE B 76 17.88 10.12 0.31
CA PHE B 76 17.31 11.14 -0.58
C PHE B 76 18.29 12.26 -0.89
N ARG B 77 19.08 12.68 0.11
CA ARG B 77 19.99 13.82 -0.03
C ARG B 77 20.82 13.82 -1.32
N PRO B 78 21.53 12.76 -1.70
CA PRO B 78 22.32 12.81 -2.93
C PRO B 78 21.48 13.05 -4.19
N HIS B 79 20.23 12.58 -4.22
CA HIS B 79 19.39 12.83 -5.39
C HIS B 79 19.01 14.30 -5.49
N ALA B 80 18.69 14.92 -4.35
CA ALA B 80 18.37 16.34 -4.37
C ALA B 80 19.57 17.16 -4.81
N GLU B 81 20.76 16.79 -4.33
CA GLU B 81 21.96 17.55 -4.67
C GLU B 81 22.30 17.41 -6.15
N GLU B 82 22.17 16.19 -6.70
CA GLU B 82 22.38 15.99 -8.13
C GLU B 82 21.41 16.82 -8.97
N ALA B 83 20.14 16.88 -8.55
CA ALA B 83 19.15 17.67 -9.27
C ALA B 83 19.50 19.15 -9.25
N GLU B 84 19.86 19.67 -8.06
CA GLU B 84 20.28 21.07 -7.97
C GLU B 84 21.46 21.38 -8.90
N ARG B 85 22.41 20.44 -9.01
CA ARG B 85 23.56 20.68 -9.88
C ARG B 85 23.15 20.66 -11.35
N LEU B 86 22.21 19.78 -11.71
CA LEU B 86 21.76 19.74 -13.09
C LEU B 86 21.04 21.03 -13.47
N PHE B 87 20.11 21.48 -12.62
CA PHE B 87 19.36 22.69 -12.96
C PHE B 87 20.18 23.97 -12.77
N ALA B 88 21.41 23.88 -12.25
CA ALA B 88 22.27 25.06 -12.27
C ALA B 88 22.95 25.24 -13.62
N GLN B 89 23.00 24.21 -14.47
CA GLN B 89 23.62 24.37 -15.77
C GLN B 89 22.77 25.29 -16.63
N PRO B 90 23.41 26.07 -17.52
CA PRO B 90 22.61 26.96 -18.38
C PRO B 90 21.63 26.20 -19.26
N GLN B 91 22.03 25.05 -19.79
CA GLN B 91 21.22 24.28 -20.74
C GLN B 91 21.08 22.83 -20.30
N PRO B 92 20.29 22.55 -19.28
CA PRO B 92 20.06 21.14 -18.93
C PRO B 92 19.34 20.42 -20.06
N ASP B 93 19.61 19.13 -20.16
CA ASP B 93 18.97 18.26 -21.15
CA ASP B 93 18.93 18.31 -21.16
C ASP B 93 17.73 17.62 -20.54
N ARG B 94 16.67 17.50 -21.35
CA ARG B 94 15.50 16.73 -20.95
C ARG B 94 15.89 15.28 -20.63
N ALA B 95 16.82 14.72 -21.41
CA ALA B 95 17.27 13.35 -21.16
C ALA B 95 17.90 13.23 -19.78
N ALA B 96 18.61 14.26 -19.34
CA ALA B 96 19.21 14.23 -18.01
C ALA B 96 18.16 14.37 -16.91
N ILE B 97 17.08 15.12 -17.14
CA ILE B 97 16.00 15.17 -16.16
C ILE B 97 15.38 13.78 -16.00
N ARG B 98 15.10 13.12 -17.11
CA ARG B 98 14.56 11.77 -17.06
C ARG B 98 15.48 10.85 -16.26
N GLU B 99 16.78 10.98 -16.46
CA GLU B 99 17.71 10.09 -15.77
C GLU B 99 17.63 10.29 -14.26
N LEU B 100 17.40 11.53 -13.82
CA LEU B 100 17.22 11.76 -12.39
C LEU B 100 15.97 11.08 -11.88
N ILE B 101 14.88 11.15 -12.66
CA ILE B 101 13.66 10.48 -12.25
C ILE B 101 13.92 8.99 -12.11
N LEU B 102 14.63 8.41 -13.07
CA LEU B 102 14.82 6.95 -13.05
C LEU B 102 15.78 6.52 -11.95
N ARG B 103 16.82 7.33 -11.68
CA ARG B 103 17.70 6.96 -10.58
C ARG B 103 16.98 7.00 -9.23
N ALA B 104 16.10 7.99 -9.03
CA ALA B 104 15.31 8.03 -7.81
C ALA B 104 14.40 6.82 -7.71
N CYS B 105 13.71 6.48 -8.81
CA CYS B 105 12.78 5.35 -8.77
CA CYS B 105 12.79 5.35 -8.82
C CYS B 105 13.53 4.03 -8.57
N ARG B 106 14.68 3.85 -9.22
CA ARG B 106 15.42 2.60 -9.04
CA ARG B 106 15.44 2.61 -9.05
C ARG B 106 15.96 2.47 -7.61
N ASN B 107 16.36 3.59 -7.01
CA ASN B 107 16.82 3.58 -5.62
C ASN B 107 15.68 3.21 -4.66
N MET B 108 14.46 3.72 -4.90
CA MET B 108 13.31 3.36 -4.07
C MET B 108 12.93 1.90 -4.25
N ILE B 109 12.88 1.43 -5.50
CA ILE B 109 12.60 0.03 -5.76
C ILE B 109 13.60 -0.88 -5.07
N LYS B 110 14.88 -0.53 -5.14
CA LYS B 110 15.90 -1.34 -4.50
C LYS B 110 15.65 -1.44 -2.99
N LEU B 111 15.54 -0.30 -2.32
CA LEU B 111 15.30 -0.29 -0.89
C LEU B 111 14.00 -0.99 -0.53
N LEU B 112 12.99 -0.91 -1.41
CA LEU B 112 11.68 -1.45 -1.10
C LEU B 112 11.53 -2.91 -1.52
N THR B 113 12.62 -3.56 -1.93
CA THR B 113 12.64 -4.99 -2.14
C THR B 113 13.72 -5.62 -1.27
N GLN B 114 14.19 -4.87 -0.28
CA GLN B 114 15.23 -5.28 0.67
C GLN B 114 14.58 -5.74 1.98
N ASP B 115 14.95 -6.92 2.48
CA ASP B 115 14.30 -7.45 3.69
C ASP B 115 14.42 -6.49 4.87
N ASP B 116 15.57 -5.81 5.00
CA ASP B 116 15.82 -5.10 6.24
C ASP B 116 15.15 -3.72 6.31
N THR B 117 14.32 -3.36 5.33
CA THR B 117 13.50 -2.15 5.41
C THR B 117 12.03 -2.46 5.64
N VAL B 118 11.66 -3.73 5.78
CA VAL B 118 10.26 -4.10 5.88
C VAL B 118 9.60 -3.44 7.10
N ASN B 119 10.30 -3.41 8.25
CA ASN B 119 9.72 -2.82 9.45
C ASN B 119 9.51 -1.32 9.31
N LEU B 120 10.40 -0.65 8.57
CA LEU B 120 10.17 0.76 8.25
CA LEU B 120 10.17 0.76 8.24
C LEU B 120 8.85 0.93 7.51
N SER B 121 8.59 0.06 6.53
CA SER B 121 7.37 0.16 5.74
C SER B 121 6.14 -0.11 6.60
N LYS B 122 6.22 -1.10 7.49
CA LYS B 122 5.12 -1.38 8.40
C LYS B 122 4.78 -0.14 9.22
N PHE B 123 5.79 0.48 9.80
CA PHE B 123 5.61 1.63 10.67
C PHE B 123 4.95 2.78 9.92
N ILE B 124 5.44 3.09 8.72
CA ILE B 124 4.88 4.17 7.93
C ILE B 124 3.46 3.83 7.47
N SER B 125 3.26 2.61 6.96
CA SER B 125 1.95 2.25 6.42
CA SER B 125 1.95 2.23 6.43
CA SER B 125 1.95 2.25 6.42
C SER B 125 0.86 2.36 7.48
N ARG B 126 1.16 1.97 8.73
CA ARG B 126 0.19 2.16 9.82
C ARG B 126 -0.13 3.63 10.01
N GLU B 127 0.90 4.48 9.95
CA GLU B 127 0.71 5.89 10.19
C GLU B 127 -0.05 6.55 9.04
N GLN B 128 0.03 5.98 7.84
CA GLN B 128 -0.73 6.55 6.71
C GLN B 128 -2.22 6.49 6.95
N LEU B 129 -2.70 5.45 7.63
CA LEU B 129 -4.13 5.25 7.88
CA LEU B 129 -4.13 5.26 7.87
C LEU B 129 -4.57 5.70 9.26
N SER B 130 -3.62 5.92 10.18
CA SER B 130 -3.93 6.43 11.50
CA SER B 130 -3.93 6.42 11.51
C SER B 130 -2.79 7.34 11.95
N PRO B 131 -2.72 8.55 11.37
CA PRO B 131 -1.55 9.40 11.62
C PRO B 131 -1.51 9.95 13.03
N THR B 132 -0.31 9.98 13.60
CA THR B 132 0.01 10.66 14.85
C THR B 132 1.08 11.72 14.57
N ALA B 133 1.64 12.28 15.65
CA ALA B 133 2.77 13.19 15.51
C ALA B 133 3.95 12.52 14.82
N ALA B 134 4.05 11.20 14.90
CA ALA B 134 5.11 10.49 14.19
C ALA B 134 5.02 10.72 12.69
N TYR B 135 3.82 10.55 12.10
CA TYR B 135 3.75 10.72 10.65
C TYR B 135 4.18 12.14 10.25
N HIS B 136 3.69 13.15 10.96
CA HIS B 136 3.97 14.51 10.53
CA HIS B 136 3.97 14.55 10.62
C HIS B 136 5.45 14.85 10.65
N LEU B 137 6.17 14.26 11.60
CA LEU B 137 7.61 14.44 11.66
C LEU B 137 8.29 13.88 10.41
N VAL B 138 7.93 12.66 10.02
CA VAL B 138 8.55 12.06 8.84
C VAL B 138 8.12 12.80 7.57
N HIS B 139 6.85 13.20 7.52
CA HIS B 139 6.33 13.90 6.34
C HIS B 139 7.08 15.21 6.12
N GLU B 140 7.20 16.03 7.16
CA GLU B 140 7.84 17.33 7.04
C GLU B 140 9.32 17.20 6.76
N GLN B 141 9.97 16.20 7.36
CA GLN B 141 11.41 16.14 7.20
C GLN B 141 11.84 15.49 5.88
N VAL B 142 11.09 14.52 5.36
CA VAL B 142 11.62 13.81 4.19
C VAL B 142 10.56 13.32 3.21
N ILE B 143 9.39 12.89 3.68
CA ILE B 143 8.42 12.32 2.73
C ILE B 143 7.88 13.42 1.81
N SER B 144 7.53 14.57 2.37
CA SER B 144 7.13 15.68 1.51
C SER B 144 8.28 16.17 0.64
N PRO B 145 9.49 16.40 1.14
CA PRO B 145 10.57 16.79 0.22
C PRO B 145 10.81 15.77 -0.90
N LEU B 146 10.63 14.47 -0.65
CA LEU B 146 10.83 13.47 -1.70
C LEU B 146 9.69 13.47 -2.72
N HIS B 147 8.44 13.52 -2.23
CA HIS B 147 7.28 13.66 -3.11
C HIS B 147 7.37 14.90 -3.99
N SER B 148 7.71 16.04 -3.39
CA SER B 148 7.82 17.27 -4.17
CA SER B 148 7.84 17.27 -4.17
C SER B 148 9.01 17.20 -5.14
N HIS B 149 10.10 16.55 -4.73
CA HIS B 149 11.23 16.37 -5.63
C HIS B 149 10.82 15.64 -6.91
N LEU B 150 10.07 14.54 -6.76
CA LEU B 150 9.60 13.80 -7.93
C LEU B 150 8.55 14.58 -8.70
N THR B 151 7.63 15.25 -8.00
CA THR B 151 6.65 16.09 -8.70
C THR B 151 7.33 17.17 -9.54
N ARG B 152 8.34 17.83 -8.98
CA ARG B 152 9.02 18.89 -9.72
C ARG B 152 9.85 18.34 -10.89
N LEU B 153 10.51 17.19 -10.71
CA LEU B 153 11.24 16.59 -11.83
C LEU B 153 10.27 16.23 -12.96
N ILE B 154 9.12 15.64 -12.62
CA ILE B 154 8.14 15.28 -13.65
C ILE B 154 7.59 16.54 -14.31
N ALA B 155 7.24 17.55 -13.51
CA ALA B 155 6.78 18.81 -14.10
C ALA B 155 7.86 19.46 -14.95
N ALA B 156 9.12 19.35 -14.53
CA ALA B 156 10.20 19.95 -15.32
C ALA B 156 10.36 19.25 -16.66
N TRP B 157 10.25 17.91 -16.68
CA TRP B 157 10.38 17.16 -17.92
C TRP B 157 9.23 17.47 -18.87
N THR B 158 8.01 17.45 -18.35
CA THR B 158 6.83 17.60 -19.20
C THR B 158 6.53 19.03 -19.57
N GLY B 159 7.04 19.99 -18.80
CA GLY B 159 6.68 21.38 -19.03
C GLY B 159 5.39 21.80 -18.36
N CYS B 160 4.98 21.11 -17.30
CA CYS B 160 3.78 21.48 -16.55
C CYS B 160 4.15 22.23 -15.27
N ASP B 161 3.11 22.66 -14.55
CA ASP B 161 3.23 23.35 -13.27
C ASP B 161 3.26 22.33 -12.15
N ALA B 162 4.36 22.33 -11.38
CA ALA B 162 4.51 21.40 -10.27
C ALA B 162 3.47 21.61 -9.16
N ASN B 163 2.91 22.82 -9.04
CA ASN B 163 1.97 23.07 -7.96
C ASN B 163 0.52 22.82 -8.36
N ASP B 164 0.26 22.50 -9.62
CA ASP B 164 -1.11 22.16 -10.01
C ASP B 164 -1.53 20.90 -9.25
N THR B 165 -2.75 20.92 -8.71
CA THR B 165 -3.27 19.74 -8.01
C THR B 165 -3.22 18.50 -8.89
N ARG B 166 -3.50 18.64 -10.19
CA ARG B 166 -3.46 17.48 -11.08
C ARG B 166 -2.06 16.89 -11.17
N MET B 167 -1.02 17.74 -11.21
CA MET B 167 0.35 17.22 -11.28
C MET B 167 0.71 16.44 -10.02
N ILE B 168 0.27 16.94 -8.87
CA ILE B 168 0.53 16.26 -7.59
C ILE B 168 -0.15 14.90 -7.58
N LEU B 169 -1.39 14.83 -8.08
CA LEU B 169 -2.12 13.55 -8.17
C LEU B 169 -1.46 12.60 -9.16
N HIS B 170 -1.06 13.10 -10.35
CA HIS B 170 -0.34 12.28 -11.33
C HIS B 170 0.88 11.64 -10.69
N THR B 171 1.66 12.45 -9.95
CA THR B 171 2.88 11.96 -9.33
C THR B 171 2.56 10.95 -8.24
N HIS B 172 1.52 11.21 -7.46
CA HIS B 172 1.16 10.31 -6.38
C HIS B 172 0.82 8.94 -6.91
N ALA B 173 0.04 8.89 -8.00
CA ALA B 173 -0.33 7.63 -8.63
C ALA B 173 0.90 6.89 -9.12
N LEU B 174 1.82 7.60 -9.78
CA LEU B 174 3.07 6.99 -10.23
CA LEU B 174 3.07 7.00 -10.22
C LEU B 174 3.86 6.40 -9.07
N ILE B 175 3.95 7.11 -7.94
CA ILE B 175 4.70 6.60 -6.80
C ILE B 175 4.07 5.31 -6.29
N GLY B 176 2.75 5.20 -6.38
CA GLY B 176 2.07 3.95 -6.03
C GLY B 176 2.60 2.75 -6.79
N GLU B 177 3.03 2.94 -8.04
CA GLU B 177 3.63 1.81 -8.77
C GLU B 177 4.94 1.40 -8.13
N ILE B 178 5.73 2.36 -7.68
CA ILE B 178 7.00 2.04 -7.03
C ILE B 178 6.75 1.32 -5.72
N LEU B 179 5.69 1.70 -5.00
CA LEU B 179 5.42 1.15 -3.68
C LEU B 179 4.72 -0.21 -3.75
N ALA B 180 4.12 -0.55 -4.89
CA ALA B 180 3.26 -1.74 -4.96
C ALA B 180 4.01 -3.03 -4.66
N PHE B 181 5.31 -3.08 -4.94
CA PHE B 181 6.06 -4.32 -4.72
C PHE B 181 6.50 -4.47 -3.28
N ARG B 182 6.26 -3.47 -2.45
CA ARG B 182 6.42 -3.60 -1.01
C ARG B 182 5.06 -3.67 -0.32
N LEU B 183 4.17 -2.73 -0.62
CA LEU B 183 2.86 -2.72 0.02
C LEU B 183 1.95 -3.84 -0.48
N GLY B 184 2.21 -4.36 -1.68
CA GLY B 184 1.51 -5.55 -2.15
C GLY B 184 2.45 -6.74 -2.27
N LYS B 185 3.41 -6.80 -1.34
CA LYS B 185 4.48 -7.80 -1.41
C LYS B 185 3.95 -9.23 -1.51
N GLU B 186 3.09 -9.64 -0.58
CA GLU B 186 2.67 -11.03 -0.59
C GLU B 186 1.84 -11.34 -1.83
N THR B 187 0.99 -10.40 -2.25
CA THR B 187 0.21 -10.61 -3.47
C THR B 187 1.11 -10.92 -4.67
N ILE B 188 2.16 -10.11 -4.88
CA ILE B 188 2.95 -10.26 -6.10
C ILE B 188 3.90 -11.47 -6.02
N LEU B 189 4.40 -11.81 -4.82
CA LEU B 189 5.21 -13.01 -4.68
C LEU B 189 4.41 -14.26 -5.03
N LEU B 190 3.20 -14.36 -4.50
CA LEU B 190 2.37 -15.52 -4.82
C LEU B 190 1.97 -15.52 -6.30
N ARG B 191 1.61 -14.34 -6.85
CA ARG B 191 1.14 -14.32 -8.24
C ARG B 191 2.27 -14.63 -9.23
N THR B 192 3.50 -14.19 -8.95
CA THR B 192 4.63 -14.54 -9.81
C THR B 192 5.14 -15.94 -9.55
N GLY B 193 4.91 -16.46 -8.35
CA GLY B 193 5.56 -17.70 -7.94
C GLY B 193 6.93 -17.49 -7.35
N TRP B 194 7.41 -16.26 -7.26
CA TRP B 194 8.70 -16.02 -6.62
C TRP B 194 8.57 -16.15 -5.11
N THR B 195 9.53 -16.84 -4.48
CA THR B 195 9.50 -16.88 -3.02
C THR B 195 10.16 -15.67 -2.38
N ALA B 196 10.98 -14.94 -3.14
CA ALA B 196 11.70 -13.78 -2.64
C ALA B 196 12.20 -12.97 -3.83
N PHE B 197 12.44 -11.69 -3.60
CA PHE B 197 13.09 -10.88 -4.61
C PHE B 197 14.59 -11.15 -4.60
N ASP B 198 15.21 -10.99 -5.77
CA ASP B 198 16.66 -11.03 -5.89
C ASP B 198 17.05 -9.99 -6.94
N GLU B 199 18.34 -9.92 -7.28
CA GLU B 199 18.76 -8.82 -8.16
C GLU B 199 18.11 -8.92 -9.52
N GLU B 200 18.02 -10.13 -10.07
CA GLU B 200 17.45 -10.29 -11.41
C GLU B 200 15.98 -9.90 -11.40
N LYS B 201 15.25 -10.25 -10.34
CA LYS B 201 13.83 -9.94 -10.28
C LYS B 201 13.59 -8.46 -9.99
N THR B 202 14.45 -7.84 -9.18
CA THR B 202 14.34 -6.40 -8.98
C THR B 202 14.58 -5.66 -10.30
N GLU B 203 15.47 -6.18 -11.14
CA GLU B 203 15.70 -5.58 -12.46
C GLU B 203 14.44 -5.64 -13.31
N LEU B 204 13.66 -6.73 -13.23
CA LEU B 204 12.39 -6.78 -13.96
C LEU B 204 11.40 -5.76 -13.43
N ILE B 205 11.34 -5.58 -12.10
CA ILE B 205 10.47 -4.56 -11.52
C ILE B 205 10.90 -3.18 -12.00
N ASN B 206 12.21 -2.92 -11.99
CA ASN B 206 12.74 -1.66 -12.49
C ASN B 206 12.26 -1.40 -13.91
N GLN B 207 12.43 -2.39 -14.80
CA GLN B 207 12.03 -2.20 -16.20
C GLN B 207 10.55 -1.94 -16.33
N THR B 208 9.72 -2.63 -15.54
CA THR B 208 8.27 -2.44 -15.57
C THR B 208 7.89 -1.02 -15.20
N VAL B 209 8.38 -0.53 -14.06
CA VAL B 209 8.00 0.80 -13.59
C VAL B 209 8.59 1.88 -14.50
N THR B 210 9.83 1.69 -14.95
CA THR B 210 10.45 2.61 -15.90
C THR B 210 9.61 2.75 -17.16
N CYS B 211 9.09 1.63 -17.66
CA CYS B 211 8.22 1.65 -18.84
C CYS B 211 6.98 2.51 -18.58
N HIS B 212 6.32 2.33 -17.43
CA HIS B 212 5.10 3.09 -17.15
C HIS B 212 5.40 4.57 -16.97
N ILE B 213 6.50 4.90 -16.28
CA ILE B 213 6.91 6.31 -16.15
C ILE B 213 7.12 6.95 -17.52
N ASP B 214 7.86 6.26 -18.42
CA ASP B 214 8.10 6.82 -19.75
C ASP B 214 6.79 7.07 -20.48
N LEU B 215 5.85 6.13 -20.37
CA LEU B 215 4.58 6.26 -21.07
C LEU B 215 3.79 7.44 -20.51
N ILE B 216 3.81 7.62 -19.20
CA ILE B 216 3.08 8.70 -18.56
C ILE B 216 3.75 10.05 -18.85
N LEU B 217 5.09 10.12 -18.73
CA LEU B 217 5.80 11.34 -19.11
C LEU B 217 5.47 11.75 -20.55
N GLN B 218 5.54 10.80 -21.48
CA GLN B 218 5.28 11.15 -22.87
C GLN B 218 3.84 11.62 -23.05
N GLY B 219 2.88 10.99 -22.36
CA GLY B 219 1.50 11.41 -22.46
C GLY B 219 1.20 12.76 -21.82
N LEU B 220 1.94 13.12 -20.76
CA LEU B 220 1.71 14.42 -20.12
C LEU B 220 2.45 15.56 -20.81
N SER B 221 3.41 15.24 -21.66
CA SER B 221 4.35 16.23 -22.17
C SER B 221 3.63 17.35 -22.93
N GLN B 222 3.97 18.60 -22.63
CA GLN B 222 3.44 19.74 -23.36
C GLN B 222 4.22 19.96 -24.65
C ACT C . -18.59 -5.39 9.56
O ACT C . -17.44 -4.96 9.26
OXT ACT C . -18.93 -6.53 10.01
CH3 ACT C . -19.76 -4.37 9.34
C ACT D . -30.67 -18.22 10.01
O ACT D . -29.78 -17.68 10.75
OXT ACT D . -31.89 -17.88 9.86
CH3 ACT D . -30.30 -19.40 9.20
C1 PEG E . 7.27 5.88 1.93
O1 PEG E . 8.66 5.56 1.98
C2 PEG E . 6.97 6.85 0.83
O2 PEG E . 5.56 7.08 0.79
C3 PEG E . 5.16 7.92 -0.28
C4 PEG E . 3.72 8.27 -0.12
O4 PEG E . 2.85 7.25 -0.62
CL CL F . -7.16 -10.16 24.61
C1 PEG G . 15.76 7.84 -2.18
O1 PEG G . 15.05 8.16 -3.37
C2 PEG G . 14.83 7.65 -1.02
O2 PEG G . 14.29 6.33 -1.05
C3 PEG G . 13.10 6.19 -0.29
C4 PEG G . 12.84 4.75 0.00
O4 PEG G . 11.64 4.56 0.74
C1 PGE H . 1.40 13.54 -26.00
O1 PGE H . 2.73 13.10 -26.28
C2 PGE H . 1.45 15.00 -25.55
O2 PGE H . 0.24 15.37 -24.92
C3 PGE H . -0.01 16.77 -24.92
C4 PGE H . -1.17 17.09 -23.99
O4 PGE H . -0.85 17.04 -19.79
C6 PGE H . -1.67 16.10 -20.46
C5 PGE H . -2.04 16.63 -21.83
O3 PGE H . -0.89 16.68 -22.67
C1 EDO I . 10.71 20.72 -20.94
O1 EDO I . 12.06 20.31 -20.74
C2 EDO I . 10.32 20.62 -22.42
O2 EDO I . 8.97 21.06 -22.58
C ACT J . -1.39 18.43 -16.69
O ACT J . -1.07 18.39 -17.90
OXT ACT J . -1.59 17.47 -15.90
CH3 ACT J . -1.55 19.85 -16.04
CL CL K . 3.85 -1.69 27.50
#